data_6TL3
#
_entry.id   6TL3
#
_cell.length_a   63.694
_cell.length_b   152.232
_cell.length_c   76.261
_cell.angle_alpha   90.000
_cell.angle_beta   90.000
_cell.angle_gamma   90.000
#
_symmetry.space_group_name_H-M   'C 2 2 2'
#
loop_
_entity.id
_entity.type
_entity.pdbx_description
1 polymer '14-3-3 protein sigma'
2 polymer 'Estrogen receptor'
3 non-polymer '5-[(2~{S},3~{R})-3-[(~{R})-azanyl(phenyl)methyl]-2-(4-nitrophenyl)-4,5-bis(oxidanylidene)pyrrolidin-1-yl]-2-oxidanyl-benzoic acid'
4 water water
#
loop_
_entity_poly.entity_id
_entity_poly.type
_entity_poly.pdbx_seq_one_letter_code
_entity_poly.pdbx_strand_id
1 'polypeptide(L)'
;GAMGSMERASLIQKAKLAEQAERYEDMAAFMKGAVEKGEELS(CSO)EERNLLSVAYKNVVGGQRAAWRVLSSIEQKSNE
EGSEEKGPEVREYREKVETELQGVCDTVLGLLDSHLIKEAGDAESRVFYLKMKGDYYRYLAEVATGDDKKRIIDSARSAY
QEAMDISKKEMPPTNPIRLGLALNFSVFHYEIANSPEEAISLAKTTFDEAMADLHTLSEDSYKDSTLIMQLLRDNLTLWT
;
A
2 'polypeptide(L)' (ACE)AEGFPA(TPO)V B
#
loop_
_chem_comp.id
_chem_comp.type
_chem_comp.name
_chem_comp.formula
ACE non-polymer 'ACETYL GROUP' 'C2 H4 O'
NJW non-polymer '5-[(2~{S},3~{R})-3-[(~{R})-azanyl(phenyl)methyl]-2-(4-nitrophenyl)-4,5-bis(oxidanylidene)pyrrolidin-1-yl]-2-oxidanyl-benzoic acid' 'C24 H17 N3 O7'
#
# COMPACT_ATOMS: atom_id res chain seq x y z
N GLY A 1 21.79 11.17 5.47
CA GLY A 1 21.91 11.51 4.02
C GLY A 1 21.63 12.96 3.71
N ALA A 2 20.86 13.21 2.66
CA ALA A 2 20.63 14.57 2.20
C ALA A 2 19.71 15.36 3.12
N MET A 3 18.94 14.69 3.96
CA MET A 3 18.09 15.37 4.94
C MET A 3 18.73 15.46 6.33
N GLY A 4 19.98 15.00 6.48
CA GLY A 4 20.55 14.78 7.79
C GLY A 4 20.80 16.03 8.62
N SER A 5 21.00 17.17 7.97
CA SER A 5 21.29 18.41 8.69
C SER A 5 20.03 19.24 8.98
N MET A 6 18.85 18.73 8.62
CA MET A 6 17.62 19.47 8.84
C MET A 6 16.89 18.97 10.08
N GLU A 7 16.26 19.90 10.80
CA GLU A 7 15.47 19.55 11.97
C GLU A 7 14.31 18.64 11.58
N ARG A 8 14.02 17.67 12.45
CA ARG A 8 12.91 16.76 12.20
C ARG A 8 11.63 17.54 11.92
N ALA A 9 11.34 18.56 12.75
CA ALA A 9 10.07 19.27 12.63
C ALA A 9 9.98 20.05 11.33
N SER A 10 11.11 20.55 10.83
CA SER A 10 11.11 21.23 9.54
C SER A 10 10.83 20.22 8.42
N LEU A 11 11.41 19.03 8.53
CA LEU A 11 11.13 17.99 7.55
C LEU A 11 9.63 17.69 7.48
N ILE A 12 8.98 17.62 8.64
CA ILE A 12 7.53 17.38 8.67
C ILE A 12 6.78 18.53 8.03
N GLN A 13 7.16 19.78 8.36
CA GLN A 13 6.57 20.94 7.72
C GLN A 13 6.70 20.85 6.21
N LYS A 14 7.92 20.61 5.72
CA LYS A 14 8.14 20.60 4.28
C LYS A 14 7.43 19.42 3.62
N ALA A 15 7.30 18.30 4.31
CA ALA A 15 6.49 17.23 3.75
C ALA A 15 5.07 17.71 3.50
N LYS A 16 4.51 18.48 4.44
CA LYS A 16 3.16 18.98 4.25
C LYS A 16 3.11 20.03 3.14
N LEU A 17 4.16 20.84 3.01
CA LEU A 17 4.20 21.81 1.93
C LEU A 17 4.28 21.13 0.57
N ALA A 18 5.07 20.05 0.47
CA ALA A 18 5.17 19.33 -0.80
C ALA A 18 3.83 18.69 -1.17
N GLU A 19 3.11 18.14 -0.19
CA GLU A 19 1.78 17.60 -0.46
C GLU A 19 0.87 18.67 -1.04
N GLN A 20 0.87 19.87 -0.45
CA GLN A 20 0.04 20.94 -0.97
C GLN A 20 0.46 21.29 -2.40
N ALA A 21 1.76 21.21 -2.68
CA ALA A 21 2.26 21.47 -4.03
C ALA A 21 2.16 20.27 -4.94
N GLU A 22 1.63 19.15 -4.45
CA GLU A 22 1.51 17.93 -5.22
C GLU A 22 2.88 17.46 -5.71
N ARG A 23 3.88 17.60 -4.86
CA ARG A 23 5.25 17.16 -5.13
C ARG A 23 5.53 15.94 -4.25
N TYR A 24 5.02 14.80 -4.67
CA TYR A 24 5.00 13.62 -3.81
C TYR A 24 6.36 12.97 -3.69
N GLU A 25 7.23 13.11 -4.70
N GLU A 25 7.23 13.11 -4.70
CA GLU A 25 8.59 12.61 -4.56
CA GLU A 25 8.59 12.60 -4.54
C GLU A 25 9.34 13.39 -3.49
C GLU A 25 9.33 13.39 -3.48
N ASP A 26 9.17 14.72 -3.46
CA ASP A 26 9.75 15.51 -2.40
C ASP A 26 9.12 15.14 -1.06
N MET A 27 7.80 14.97 -1.04
CA MET A 27 7.10 14.62 0.18
C MET A 27 7.67 13.33 0.77
N ALA A 28 7.86 12.31 -0.08
CA ALA A 28 8.42 11.06 0.40
C ALA A 28 9.85 11.24 0.89
N ALA A 29 10.63 12.09 0.21
CA ALA A 29 12.01 12.30 0.62
C ALA A 29 12.07 12.99 1.96
N PHE A 30 11.17 13.93 2.22
CA PHE A 30 11.15 14.59 3.52
C PHE A 30 10.74 13.63 4.62
N MET A 31 9.72 12.82 4.38
CA MET A 31 9.26 11.89 5.40
C MET A 31 10.33 10.83 5.69
N LYS A 32 10.97 10.30 4.63
CA LYS A 32 12.07 9.37 4.85
C LYS A 32 13.14 9.98 5.73
N GLY A 33 13.50 11.23 5.47
CA GLY A 33 14.47 11.91 6.32
C GLY A 33 14.00 12.01 7.75
N ALA A 34 12.70 12.18 7.95
CA ALA A 34 12.17 12.30 9.29
C ALA A 34 12.21 10.96 10.01
N VAL A 35 11.88 9.88 9.30
CA VAL A 35 11.94 8.57 9.92
C VAL A 35 13.36 8.24 10.33
N GLU A 36 14.35 8.70 9.55
CA GLU A 36 15.74 8.39 9.83
C GLU A 36 16.28 9.16 11.03
N LYS A 37 15.51 10.07 11.61
CA LYS A 37 15.89 10.69 12.86
C LYS A 37 15.82 9.72 14.03
N GLY A 38 15.23 8.55 13.85
CA GLY A 38 15.21 7.51 14.84
C GLY A 38 14.01 7.50 15.75
N GLU A 39 13.15 8.52 15.67
CA GLU A 39 11.99 8.61 16.55
C GLU A 39 10.79 7.92 15.95
N GLU A 40 10.01 7.26 16.81
CA GLU A 40 8.75 6.68 16.39
C GLU A 40 7.85 7.72 15.74
N LEU A 41 7.10 7.29 14.72
CA LEU A 41 6.18 8.19 14.05
C LEU A 41 4.86 8.27 14.81
N SER A 42 4.25 9.45 14.82
CA SER A 42 2.88 9.61 15.31
C SER A 42 1.93 9.01 14.27
N CSO A 43 0.65 8.92 14.61
CA CSO A 43 -0.35 8.35 13.69
CB CSO A 43 -1.73 8.29 14.33
SG CSO A 43 -2.94 7.90 13.03
C CSO A 43 -0.37 9.22 12.43
O CSO A 43 -0.40 8.72 11.30
OD CSO A 43 -4.13 9.22 12.88
H CSO A 43 0.33 9.17 15.37
HA CSO A 43 -0.11 7.42 13.48
HB2 CSO A 43 -1.95 9.15 14.73
HB3 CSO A 43 -1.76 7.60 15.01
HD CSO A 43 -4.67 9.08 12.09
N GLU A 44 -0.37 10.55 12.64
CA GLU A 44 -0.40 11.50 11.55
C GLU A 44 0.84 11.37 10.67
N GLU A 45 2.00 11.18 11.28
CA GLU A 45 3.24 11.05 10.52
C GLU A 45 3.26 9.77 9.69
N ARG A 46 2.81 8.65 10.27
CA ARG A 46 2.69 7.41 9.52
C ARG A 46 1.90 7.63 8.24
N ASN A 47 0.75 8.32 8.34
CA ASN A 47 -0.14 8.48 7.20
C ASN A 47 0.40 9.45 6.18
N LEU A 48 1.18 10.45 6.61
CA LEU A 48 1.92 11.28 5.66
C LEU A 48 2.93 10.44 4.89
N LEU A 49 3.67 9.59 5.62
CA LEU A 49 4.63 8.71 4.96
C LEU A 49 3.95 7.85 3.90
N SER A 50 2.83 7.21 4.27
CA SER A 50 2.14 6.30 3.36
C SER A 50 1.61 7.06 2.14
N VAL A 51 0.94 8.19 2.37
CA VAL A 51 0.38 8.97 1.26
C VAL A 51 1.48 9.31 0.24
N ALA A 52 2.64 9.75 0.73
CA ALA A 52 3.71 10.16 -0.18
C ALA A 52 4.13 8.99 -1.06
N TYR A 53 4.52 7.87 -0.45
CA TYR A 53 5.10 6.78 -1.23
C TYR A 53 4.06 6.09 -2.08
N LYS A 54 2.85 5.88 -1.55
N LYS A 54 2.84 5.88 -1.55
CA LYS A 54 1.79 5.25 -2.33
CA LYS A 54 1.81 5.23 -2.35
C LYS A 54 1.45 6.08 -3.55
C LYS A 54 1.45 6.08 -3.57
N ASN A 55 1.59 7.40 -3.46
CA ASN A 55 1.34 8.25 -4.62
C ASN A 55 2.47 8.14 -5.65
N VAL A 56 3.70 7.93 -5.19
CA VAL A 56 4.83 7.84 -6.12
C VAL A 56 4.79 6.52 -6.87
N VAL A 57 4.65 5.40 -6.14
CA VAL A 57 4.62 4.10 -6.81
C VAL A 57 3.35 3.94 -7.62
N GLY A 58 2.28 4.64 -7.23
CA GLY A 58 1.06 4.57 -8.01
C GLY A 58 1.26 5.03 -9.43
N GLY A 59 1.98 6.14 -9.60
CA GLY A 59 2.24 6.65 -10.94
C GLY A 59 3.17 5.74 -11.71
N GLN A 60 4.14 5.13 -11.01
CA GLN A 60 5.04 4.18 -11.63
C GLN A 60 4.32 2.91 -12.07
N ARG A 61 3.40 2.41 -11.24
CA ARG A 61 2.61 1.25 -11.62
C ARG A 61 1.75 1.56 -12.84
N ALA A 62 1.05 2.70 -12.80
CA ALA A 62 0.24 3.11 -13.95
C ALA A 62 1.09 3.19 -15.21
N ALA A 63 2.27 3.81 -15.12
CA ALA A 63 3.18 3.87 -16.26
C ALA A 63 3.58 2.47 -16.70
N TRP A 64 3.90 1.60 -15.75
CA TRP A 64 4.37 0.26 -16.08
C TRP A 64 3.29 -0.53 -16.80
N ARG A 65 2.04 -0.39 -16.37
N ARG A 65 2.03 -0.38 -16.40
CA ARG A 65 0.94 -1.07 -17.04
CA ARG A 65 1.01 -1.17 -17.11
C ARG A 65 0.78 -0.61 -18.48
C ARG A 65 0.66 -0.60 -18.48
N VAL A 66 0.82 0.71 -18.69
CA VAL A 66 0.71 1.25 -20.04
C VAL A 66 1.75 0.63 -20.97
N LEU A 67 3.00 0.51 -20.52
CA LEU A 67 4.05 -0.06 -21.36
C LEU A 67 3.90 -1.57 -21.49
N SER A 68 3.49 -2.24 -20.42
N SER A 68 3.48 -2.25 -20.42
CA SER A 68 3.32 -3.69 -20.48
CA SER A 68 3.32 -3.70 -20.49
C SER A 68 2.23 -4.07 -21.48
C SER A 68 2.22 -4.07 -21.48
N SER A 69 1.15 -3.28 -21.54
CA SER A 69 0.09 -3.56 -22.50
C SER A 69 0.58 -3.38 -23.92
N ILE A 70 1.30 -2.29 -24.17
CA ILE A 70 1.90 -2.08 -25.49
C ILE A 70 2.85 -3.22 -25.83
N GLU A 71 3.72 -3.58 -24.89
CA GLU A 71 4.64 -4.68 -25.12
C GLU A 71 3.90 -5.97 -25.42
N GLN A 72 2.75 -6.18 -24.79
CA GLN A 72 2.00 -7.41 -25.02
C GLN A 72 1.40 -7.45 -26.41
N LYS A 73 0.88 -6.32 -26.89
CA LYS A 73 0.34 -6.27 -28.24
C LYS A 73 1.43 -6.19 -29.30
N SER A 74 2.64 -5.77 -28.93
CA SER A 74 3.77 -5.86 -29.83
C SER A 74 4.12 -7.31 -30.15
N ASN A 75 3.76 -8.25 -29.26
CA ASN A 75 4.08 -9.66 -29.43
C ASN A 75 2.89 -10.42 -30.03
N GLU A 76 2.51 -10.03 -31.23
CA GLU A 76 1.43 -10.68 -31.95
C GLU A 76 1.26 -10.08 -33.35
N LYS A 82 10.20 -5.79 -35.26
CA LYS A 82 9.56 -5.34 -34.03
C LYS A 82 10.37 -4.24 -33.36
N GLY A 83 11.52 -4.61 -32.80
CA GLY A 83 12.40 -3.67 -32.13
C GLY A 83 12.38 -3.82 -30.62
N PRO A 84 13.53 -3.60 -29.98
CA PRO A 84 13.63 -3.83 -28.53
C PRO A 84 13.27 -2.63 -27.68
N GLU A 85 12.90 -1.50 -28.28
CA GLU A 85 12.77 -0.27 -27.51
C GLU A 85 11.64 -0.34 -26.46
N VAL A 86 10.55 -1.02 -26.78
CA VAL A 86 9.45 -1.09 -25.83
C VAL A 86 9.85 -1.87 -24.59
N ARG A 87 10.42 -3.06 -24.78
CA ARG A 87 10.90 -3.84 -23.64
C ARG A 87 11.90 -3.05 -22.82
N GLU A 88 12.83 -2.38 -23.49
CA GLU A 88 13.87 -1.63 -22.79
C GLU A 88 13.26 -0.56 -21.90
N TYR A 89 12.32 0.23 -22.43
CA TYR A 89 11.73 1.30 -21.63
C TYR A 89 10.85 0.73 -20.52
N ARG A 90 10.05 -0.29 -20.82
CA ARG A 90 9.32 -1.00 -19.78
C ARG A 90 10.26 -1.45 -18.67
N GLU A 91 11.41 -2.03 -19.06
CA GLU A 91 12.37 -2.50 -18.07
C GLU A 91 12.92 -1.33 -17.26
N LYS A 92 13.11 -0.18 -17.89
CA LYS A 92 13.63 0.98 -17.18
C LYS A 92 12.65 1.45 -16.11
N VAL A 93 11.37 1.54 -16.46
CA VAL A 93 10.37 1.97 -15.49
C VAL A 93 10.19 0.90 -14.42
N GLU A 94 10.28 -0.37 -14.82
CA GLU A 94 10.17 -1.47 -13.86
C GLU A 94 11.29 -1.40 -12.83
N THR A 95 12.53 -1.24 -13.29
CA THR A 95 13.66 -1.12 -12.36
C THR A 95 13.49 0.05 -11.40
N GLU A 96 12.95 1.16 -11.89
CA GLU A 96 12.66 2.29 -11.02
C GLU A 96 11.63 1.92 -9.96
N LEU A 97 10.52 1.31 -10.38
CA LEU A 97 9.49 0.92 -9.44
C LEU A 97 10.06 0.05 -8.33
N GLN A 98 10.86 -0.94 -8.70
CA GLN A 98 11.43 -1.84 -7.69
C GLN A 98 12.32 -1.08 -6.71
N GLY A 99 12.99 -0.03 -7.19
CA GLY A 99 13.84 0.74 -6.30
C GLY A 99 13.07 1.42 -5.19
N VAL A 100 11.89 1.98 -5.52
CA VAL A 100 11.09 2.67 -4.52
C VAL A 100 10.49 1.67 -3.54
N CYS A 101 9.95 0.57 -4.06
CA CYS A 101 9.43 -0.49 -3.19
C CYS A 101 10.50 -0.96 -2.23
N ASP A 102 11.71 -1.22 -2.74
CA ASP A 102 12.80 -1.63 -1.87
C ASP A 102 13.16 -0.53 -0.88
N THR A 103 13.03 0.73 -1.28
CA THR A 103 13.33 1.82 -0.36
C THR A 103 12.33 1.84 0.81
N VAL A 104 11.07 1.58 0.54
CA VAL A 104 10.06 1.59 1.59
C VAL A 104 10.21 0.34 2.47
N LEU A 105 10.32 -0.83 1.86
CA LEU A 105 10.44 -2.05 2.64
C LEU A 105 11.67 -2.02 3.54
N GLY A 106 12.77 -1.46 3.04
CA GLY A 106 13.93 -1.28 3.89
C GLY A 106 13.65 -0.37 5.06
N LEU A 107 12.92 0.71 4.82
CA LEU A 107 12.59 1.63 5.89
C LEU A 107 11.66 0.97 6.91
N LEU A 108 10.79 0.08 6.47
CA LEU A 108 9.87 -0.57 7.40
C LEU A 108 10.61 -1.50 8.36
N ASP A 109 11.53 -2.31 7.84
CA ASP A 109 12.24 -3.25 8.70
C ASP A 109 13.36 -2.58 9.48
N SER A 110 13.93 -1.50 8.95
CA SER A 110 15.08 -0.86 9.56
C SER A 110 14.71 0.11 10.67
N HIS A 111 13.48 0.58 10.71
CA HIS A 111 13.16 1.75 11.51
C HIS A 111 11.78 1.70 12.11
N LEU A 112 10.77 1.35 11.31
CA LEU A 112 9.38 1.51 11.70
C LEU A 112 8.80 0.29 12.41
N ILE A 113 9.00 -0.90 11.86
CA ILE A 113 8.47 -2.12 12.48
C ILE A 113 9.33 -2.47 13.69
N LYS A 114 8.73 -2.46 14.86
CA LYS A 114 9.45 -2.72 16.11
C LYS A 114 8.67 -3.68 17.00
N ALA A 116 7.30 -4.16 20.20
CA ALA A 116 7.80 -2.96 20.87
C ALA A 116 6.76 -1.85 20.81
N GLY A 117 6.37 -1.46 19.58
CA GLY A 117 5.32 -0.47 19.42
C GLY A 117 3.93 -1.03 19.67
N ASP A 118 2.94 -0.15 19.65
CA ASP A 118 1.57 -0.55 19.91
C ASP A 118 1.04 -1.44 18.79
N ALA A 119 -0.16 -1.98 19.03
CA ALA A 119 -0.73 -2.93 18.09
C ALA A 119 -1.31 -2.24 16.86
N GLU A 120 -1.93 -1.06 17.03
CA GLU A 120 -2.40 -0.28 15.89
C GLU A 120 -1.23 0.10 14.98
N SER A 121 -0.15 0.60 15.59
CA SER A 121 1.11 0.83 14.88
C SER A 121 1.43 -0.36 13.97
N ARG A 122 1.42 -1.55 14.55
CA ARG A 122 1.91 -2.72 13.84
C ARG A 122 1.01 -3.09 12.67
N VAL A 123 -0.30 -2.89 12.84
CA VAL A 123 -1.20 -3.17 11.72
C VAL A 123 -0.91 -2.23 10.55
N PHE A 124 -0.72 -0.95 10.83
CA PHE A 124 -0.43 0.02 9.79
C PHE A 124 0.79 -0.40 8.98
N TYR A 125 1.91 -0.64 9.67
CA TYR A 125 3.17 -0.92 8.99
C TYR A 125 3.12 -2.26 8.28
N LEU A 126 2.51 -3.26 8.92
CA LEU A 126 2.43 -4.57 8.29
C LEU A 126 1.59 -4.53 7.03
N LYS A 127 0.54 -3.70 7.00
CA LYS A 127 -0.22 -3.54 5.75
C LYS A 127 0.66 -2.93 4.66
N MET A 128 1.45 -1.91 5.00
CA MET A 128 2.37 -1.35 4.01
C MET A 128 3.34 -2.42 3.51
N LYS A 129 3.83 -3.26 4.43
CA LYS A 129 4.75 -4.33 4.03
C LYS A 129 4.12 -5.22 2.98
N GLY A 130 2.86 -5.62 3.20
CA GLY A 130 2.18 -6.49 2.25
C GLY A 130 1.88 -5.78 0.95
N ASP A 131 1.52 -4.50 1.02
CA ASP A 131 1.22 -3.75 -0.19
C ASP A 131 2.44 -3.65 -1.11
N TYR A 132 3.58 -3.20 -0.59
CA TYR A 132 4.75 -3.00 -1.44
C TYR A 132 5.37 -4.32 -1.88
N TYR A 133 5.20 -5.39 -1.10
CA TYR A 133 5.58 -6.71 -1.60
C TYR A 133 4.65 -7.14 -2.73
N ARG A 134 3.37 -6.80 -2.61
CA ARG A 134 2.43 -7.07 -3.70
C ARG A 134 2.86 -6.38 -4.98
N TYR A 135 3.32 -5.12 -4.87
CA TYR A 135 3.71 -4.37 -6.06
C TYR A 135 4.90 -5.02 -6.74
N LEU A 136 5.87 -5.50 -5.95
CA LEU A 136 7.00 -6.20 -6.56
C LEU A 136 6.54 -7.49 -7.24
N ALA A 137 5.55 -8.18 -6.65
CA ALA A 137 5.04 -9.40 -7.27
C ALA A 137 4.35 -9.10 -8.59
N GLU A 138 3.77 -7.91 -8.73
CA GLU A 138 3.06 -7.57 -9.96
C GLU A 138 3.97 -7.56 -11.17
N VAL A 139 5.27 -7.39 -10.99
CA VAL A 139 6.22 -7.32 -12.09
C VAL A 139 7.25 -8.42 -12.08
N ALA A 140 7.24 -9.29 -11.09
CA ALA A 140 8.32 -10.26 -10.92
C ALA A 140 7.99 -11.58 -11.62
N THR A 141 9.05 -12.38 -11.83
CA THR A 141 8.91 -13.72 -12.37
C THR A 141 10.11 -14.55 -11.93
N GLY A 142 9.89 -15.83 -11.66
CA GLY A 142 10.96 -16.74 -11.31
C GLY A 142 11.13 -17.01 -9.84
N LYS A 145 9.99 -14.88 -7.54
CA LYS A 145 8.68 -14.26 -7.55
C LYS A 145 7.85 -14.72 -6.36
N LYS A 146 7.44 -15.99 -6.37
CA LYS A 146 6.57 -16.50 -5.32
C LYS A 146 7.21 -16.37 -3.94
N ARG A 147 8.53 -16.20 -3.88
CA ARG A 147 9.15 -15.74 -2.64
C ARG A 147 8.59 -14.38 -2.23
N ILE A 148 8.29 -13.53 -3.21
CA ILE A 148 7.70 -12.22 -2.92
C ILE A 148 6.24 -12.38 -2.53
N ILE A 149 5.54 -13.34 -3.15
CA ILE A 149 4.14 -13.57 -2.81
C ILE A 149 4.02 -14.03 -1.37
N ASP A 150 4.86 -15.00 -0.97
CA ASP A 150 4.80 -15.50 0.40
C ASP A 150 4.97 -14.38 1.41
N SER A 151 5.93 -13.48 1.16
CA SER A 151 6.19 -12.42 2.12
C SER A 151 5.10 -11.36 2.11
N ALA A 152 4.42 -11.19 0.97
CA ALA A 152 3.23 -10.34 0.96
C ALA A 152 2.11 -10.98 1.78
N ARG A 153 1.87 -12.27 1.57
CA ARG A 153 0.81 -12.95 2.31
C ARG A 153 1.09 -12.96 3.80
N SER A 154 2.34 -13.24 4.19
CA SER A 154 2.67 -13.35 5.60
C SER A 154 2.52 -12.00 6.30
N ALA A 155 2.95 -10.93 5.65
CA ALA A 155 2.77 -9.61 6.23
C ALA A 155 1.29 -9.27 6.37
N TYR A 156 0.50 -9.58 5.33
CA TYR A 156 -0.94 -9.34 5.38
C TYR A 156 -1.59 -10.17 6.49
N GLN A 157 -1.25 -11.46 6.55
CA GLN A 157 -1.92 -12.34 7.50
C GLN A 157 -1.66 -11.89 8.94
N GLU A 158 -0.40 -11.61 9.27
CA GLU A 158 -0.11 -11.12 10.61
C GLU A 158 -0.90 -9.85 10.90
N ALA A 159 -1.03 -8.97 9.92
CA ALA A 159 -1.78 -7.73 10.12
C ALA A 159 -3.25 -8.04 10.37
N MET A 160 -3.80 -9.01 9.67
CA MET A 160 -5.19 -9.39 9.89
C MET A 160 -5.39 -9.90 11.31
N ASP A 161 -4.59 -10.89 11.72
CA ASP A 161 -4.77 -11.50 13.04
C ASP A 161 -4.77 -10.45 14.14
N ILE A 162 -3.79 -9.54 14.11
CA ILE A 162 -3.74 -8.49 15.12
C ILE A 162 -5.00 -7.63 15.07
N SER A 163 -5.43 -7.26 13.87
CA SER A 163 -6.52 -6.29 13.74
C SER A 163 -7.86 -6.89 14.14
N LYS A 164 -8.08 -8.18 13.85
CA LYS A 164 -9.32 -8.81 14.32
C LYS A 164 -9.47 -8.68 15.83
N LYS A 165 -8.35 -8.65 16.56
CA LYS A 165 -8.38 -8.68 18.01
C LYS A 165 -8.37 -7.29 18.62
N GLU A 166 -7.78 -6.31 17.94
CA GLU A 166 -7.43 -5.05 18.57
C GLU A 166 -8.18 -3.85 18.03
N MET A 167 -8.94 -4.01 16.95
CA MET A 167 -9.58 -2.90 16.28
C MET A 167 -11.01 -3.25 15.93
N PRO A 168 -11.94 -2.30 16.04
CA PRO A 168 -13.34 -2.57 15.65
C PRO A 168 -13.45 -2.86 14.17
N PRO A 169 -14.51 -3.55 13.75
CA PRO A 169 -14.64 -3.92 12.32
C PRO A 169 -14.88 -2.74 11.41
N THR A 170 -15.03 -1.53 11.93
CA THR A 170 -15.23 -0.34 11.10
C THR A 170 -13.98 0.53 11.01
N ASN A 171 -12.92 0.19 11.72
CA ASN A 171 -11.68 0.96 11.66
C ASN A 171 -11.21 1.08 10.21
N PRO A 172 -10.90 2.29 9.73
CA PRO A 172 -10.50 2.41 8.31
C PRO A 172 -9.25 1.62 7.93
N ILE A 173 -8.26 1.54 8.82
CA ILE A 173 -7.07 0.76 8.48
C ILE A 173 -7.42 -0.72 8.40
N ARG A 174 -8.23 -1.22 9.33
CA ARG A 174 -8.64 -2.62 9.27
C ARG A 174 -9.41 -2.90 8.01
N LEU A 175 -10.33 -2.00 7.64
CA LEU A 175 -11.13 -2.21 6.43
C LEU A 175 -10.26 -2.13 5.19
N GLY A 176 -9.35 -1.17 5.15
CA GLY A 176 -8.46 -1.06 4.01
C GLY A 176 -7.53 -2.25 3.88
N LEU A 177 -7.08 -2.79 5.01
CA LEU A 177 -6.23 -3.97 4.98
C LEU A 177 -6.94 -5.13 4.32
N ALA A 178 -8.17 -5.40 4.76
CA ALA A 178 -8.93 -6.52 4.19
C ALA A 178 -9.21 -6.30 2.72
N LEU A 179 -9.58 -5.07 2.34
CA LEU A 179 -9.79 -4.75 0.94
C LEU A 179 -8.57 -5.12 0.11
N ASN A 180 -7.39 -4.63 0.51
CA ASN A 180 -6.17 -4.89 -0.24
C ASN A 180 -5.82 -6.37 -0.20
N PHE A 181 -5.95 -7.01 0.96
CA PHE A 181 -5.64 -8.43 1.05
C PHE A 181 -6.55 -9.24 0.13
N SER A 182 -7.83 -8.87 0.07
CA SER A 182 -8.76 -9.54 -0.84
C SER A 182 -8.29 -9.42 -2.28
N VAL A 183 -7.93 -8.21 -2.70
CA VAL A 183 -7.40 -8.02 -4.05
C VAL A 183 -6.16 -8.88 -4.28
N PHE A 184 -5.27 -8.95 -3.28
CA PHE A 184 -4.10 -9.81 -3.36
C PHE A 184 -4.51 -11.25 -3.66
N HIS A 185 -5.48 -11.77 -2.91
CA HIS A 185 -5.96 -13.12 -3.18
C HIS A 185 -6.40 -13.27 -4.62
N TYR A 186 -7.09 -12.25 -5.13
CA TYR A 186 -7.67 -12.34 -6.47
C TYR A 186 -6.61 -12.25 -7.54
N GLU A 187 -5.93 -11.09 -7.63
CA GLU A 187 -5.08 -10.79 -8.77
C GLU A 187 -3.68 -11.36 -8.65
N ILE A 188 -3.22 -11.73 -7.46
CA ILE A 188 -1.85 -12.16 -7.22
C ILE A 188 -1.79 -13.66 -6.96
N ALA A 189 -2.50 -14.13 -5.94
CA ALA A 189 -2.47 -15.55 -5.58
C ALA A 189 -3.44 -16.40 -6.38
N ASN A 190 -4.24 -15.79 -7.25
CA ASN A 190 -5.19 -16.51 -8.09
C ASN A 190 -6.10 -17.39 -7.23
N SER A 191 -6.85 -16.74 -6.34
CA SER A 191 -7.83 -17.40 -5.48
C SER A 191 -9.07 -16.52 -5.40
N PRO A 192 -9.85 -16.47 -6.47
CA PRO A 192 -11.03 -15.59 -6.45
C PRO A 192 -11.99 -15.91 -5.32
N GLU A 193 -12.19 -17.20 -5.00
CA GLU A 193 -13.14 -17.54 -3.95
C GLU A 193 -12.72 -16.98 -2.60
N GLU A 194 -11.42 -17.05 -2.30
N GLU A 194 -11.42 -17.06 -2.30
CA GLU A 194 -10.93 -16.48 -1.05
CA GLU A 194 -10.91 -16.49 -1.06
C GLU A 194 -11.02 -14.97 -1.08
C GLU A 194 -11.02 -14.97 -1.08
N ALA A 195 -10.77 -14.35 -2.24
CA ALA A 195 -10.89 -12.91 -2.35
C ALA A 195 -12.33 -12.47 -2.11
N ILE A 196 -13.28 -13.21 -2.69
CA ILE A 196 -14.69 -12.83 -2.55
C ILE A 196 -15.15 -13.01 -1.11
N SER A 197 -14.80 -14.15 -0.51
CA SER A 197 -15.23 -14.43 0.85
C SER A 197 -14.74 -13.35 1.81
N LEU A 198 -13.46 -13.01 1.74
CA LEU A 198 -12.91 -12.02 2.65
C LEU A 198 -13.59 -10.67 2.49
N ALA A 199 -13.96 -10.31 1.25
CA ALA A 199 -14.55 -9.00 1.03
C ALA A 199 -16.00 -8.97 1.50
N LYS A 200 -16.73 -10.07 1.28
CA LYS A 200 -18.10 -10.14 1.78
C LYS A 200 -18.13 -10.18 3.31
N THR A 201 -17.28 -11.03 3.90
CA THR A 201 -17.19 -11.06 5.35
C THR A 201 -16.85 -9.69 5.90
N THR A 202 -15.81 -9.06 5.35
CA THR A 202 -15.37 -7.77 5.87
C THR A 202 -16.49 -6.74 5.82
N PHE A 203 -17.20 -6.67 4.70
CA PHE A 203 -18.31 -5.73 4.58
C PHE A 203 -19.44 -6.09 5.54
N ASP A 204 -19.83 -7.35 5.57
CA ASP A 204 -20.98 -7.75 6.38
C ASP A 204 -20.72 -7.47 7.87
N GLU A 205 -19.54 -7.83 8.36
CA GLU A 205 -19.24 -7.64 9.78
C GLU A 205 -19.15 -6.16 10.14
N ALA A 206 -18.81 -5.30 9.18
CA ALA A 206 -18.82 -3.87 9.45
C ALA A 206 -20.24 -3.35 9.62
N MET A 207 -21.19 -3.85 8.84
CA MET A 207 -22.58 -3.45 9.00
C MET A 207 -23.17 -3.99 10.29
N ALA A 208 -22.86 -5.26 10.61
CA ALA A 208 -23.34 -5.85 11.86
C ALA A 208 -22.96 -4.99 13.05
N ASP A 209 -21.76 -4.42 13.03
CA ASP A 209 -21.32 -3.54 14.11
C ASP A 209 -21.09 -2.12 13.59
N LEU A 210 -22.09 -1.59 12.87
CA LEU A 210 -21.98 -0.22 12.36
C LEU A 210 -21.85 0.80 13.48
N HIS A 211 -22.32 0.45 14.68
CA HIS A 211 -22.31 1.40 15.79
C HIS A 211 -20.90 1.77 16.24
N THR A 212 -19.89 0.97 15.87
CA THR A 212 -18.52 1.26 16.28
C THR A 212 -17.87 2.38 15.48
N LEU A 213 -18.54 2.90 14.45
CA LEU A 213 -17.99 4.01 13.69
C LEU A 213 -17.55 5.13 14.63
N SER A 214 -16.51 5.86 14.23
CA SER A 214 -15.93 6.92 15.05
C SER A 214 -16.19 8.27 14.39
N GLU A 215 -16.43 9.27 15.24
CA GLU A 215 -16.72 10.62 14.73
C GLU A 215 -15.58 11.14 13.87
N ASP A 216 -14.34 10.75 14.18
CA ASP A 216 -13.18 11.31 13.49
C ASP A 216 -12.86 10.63 12.19
N SER A 217 -13.46 9.47 11.89
CA SER A 217 -13.06 8.72 10.71
C SER A 217 -14.20 7.97 10.03
N TYR A 218 -15.46 8.27 10.34
CA TYR A 218 -16.55 7.51 9.73
C TYR A 218 -16.63 7.73 8.22
N LYS A 219 -16.21 8.89 7.73
CA LYS A 219 -16.21 9.10 6.29
C LYS A 219 -15.23 8.17 5.59
N ASP A 220 -14.10 7.85 6.22
CA ASP A 220 -13.17 6.91 5.63
C ASP A 220 -13.70 5.49 5.70
N SER A 221 -14.46 5.15 6.74
CA SER A 221 -15.05 3.83 6.80
C SER A 221 -16.15 3.67 5.76
N THR A 222 -17.00 4.69 5.60
CA THR A 222 -18.06 4.64 4.58
C THR A 222 -17.46 4.38 3.20
N LEU A 223 -16.37 5.09 2.87
CA LEU A 223 -15.80 4.98 1.53
C LEU A 223 -15.23 3.59 1.28
N ILE A 224 -14.44 3.08 2.23
CA ILE A 224 -13.80 1.79 2.02
C ILE A 224 -14.84 0.67 1.97
N MET A 225 -15.97 0.86 2.63
CA MET A 225 -17.01 -0.16 2.58
C MET A 225 -17.74 -0.15 1.25
N GLN A 226 -17.90 1.03 0.63
CA GLN A 226 -18.40 1.08 -0.73
C GLN A 226 -17.42 0.41 -1.69
N LEU A 227 -16.12 0.60 -1.46
CA LEU A 227 -15.12 -0.01 -2.32
C LEU A 227 -15.16 -1.53 -2.22
N LEU A 228 -15.40 -2.05 -1.01
CA LEU A 228 -15.56 -3.49 -0.86
C LEU A 228 -16.73 -4.01 -1.70
N ARG A 229 -17.82 -3.25 -1.76
CA ARG A 229 -18.94 -3.64 -2.62
C ARG A 229 -18.57 -3.48 -4.09
N ASP A 230 -17.86 -2.41 -4.43
CA ASP A 230 -17.47 -2.21 -5.83
C ASP A 230 -16.69 -3.41 -6.34
N ASN A 231 -15.83 -3.98 -5.50
CA ASN A 231 -15.06 -5.14 -5.93
C ASN A 231 -15.94 -6.38 -6.02
N LEU A 232 -16.85 -6.55 -5.06
CA LEU A 232 -17.81 -7.66 -5.14
C LEU A 232 -18.68 -7.54 -6.39
N THR A 233 -19.28 -6.37 -6.60
CA THR A 233 -20.01 -6.12 -7.84
C THR A 233 -19.17 -6.46 -9.05
N LEU A 234 -17.87 -6.19 -8.99
CA LEU A 234 -16.98 -6.44 -10.11
C LEU A 234 -16.66 -7.92 -10.29
N TRP A 235 -16.81 -8.73 -9.24
CA TRP A 235 -16.34 -10.11 -9.26
C TRP A 235 -17.49 -11.12 -9.31
N THR A 236 -18.72 -10.67 -9.54
CA THR A 236 -19.85 -11.58 -9.59
C THR A 236 -20.11 -12.07 -11.01
N PHE B 5 -9.01 -2.42 -13.18
CA PHE B 5 -8.42 -2.91 -11.93
C PHE B 5 -9.36 -2.67 -10.76
N PRO B 6 -9.27 -3.51 -9.73
CA PRO B 6 -10.10 -3.31 -8.53
C PRO B 6 -9.52 -2.24 -7.61
N ALA B 7 -10.32 -1.91 -6.61
CA ALA B 7 -9.97 -0.83 -5.70
C ALA B 7 -9.02 -1.28 -4.58
N TPO B 8 -8.05 -0.42 -4.27
CA TPO B 8 -7.12 -0.59 -3.14
CB TPO B 8 -5.77 -1.10 -3.62
CG2 TPO B 8 -5.94 -2.54 -4.08
OG1 TPO B 8 -5.32 -0.26 -4.68
P TPO B 8 -3.76 -0.52 -4.99
O1P TPO B 8 -2.94 -0.65 -3.62
O2P TPO B 8 -3.21 0.71 -5.82
O3P TPO B 8 -3.62 -1.78 -5.77
C TPO B 8 -6.99 0.77 -2.44
O TPO B 8 -7.29 1.82 -3.04
HA TPO B 8 -7.46 -1.26 -2.51
HB TPO B 8 -5.03 -1.08 -2.82
HG21 TPO B 8 -6.53 -3.09 -3.36
HG22 TPO B 8 -4.96 -3.01 -4.18
HG23 TPO B 8 -6.43 -2.57 -5.05
N VAL B 9 -6.53 0.77 -1.21
CA VAL B 9 -6.28 2.01 -0.48
C VAL B 9 -4.98 1.91 0.31
C19 NJW C . -4.96 5.00 11.70
C17 NJW C . -8.44 6.50 10.64
C14 NJW C . -6.09 5.80 10.88
C18 NJW C . -8.12 7.20 9.46
C15 NJW C . -7.47 5.72 11.48
C12 NJW C . -6.77 7.25 8.93
C10 NJW C . -6.90 7.71 6.09
C22 NJW C . -5.49 9.10 7.50
O23 NJW C . -4.82 9.72 8.33
C02 NJW C . -6.18 8.78 3.81
C03 NJW C . -7.21 7.77 3.03
C04 NJW C . -6.72 6.77 2.12
C05 NJW C . -7.60 5.88 1.44
C06 NJW C . -9.02 5.95 1.65
C07 NJW C . -9.53 6.93 2.56
C08 NJW C . -8.63 7.81 3.23
C09 NJW C . -6.07 8.61 5.16
C13 NJW C . -5.79 6.50 9.72
C24 NJW C . -5.37 9.56 6.05
C26 NJW C . -6.56 6.27 5.74
C27 NJW C . -5.20 5.91 5.77
C28 NJW C . -4.82 4.58 5.46
C29 NJW C . -5.81 3.62 5.11
C30 NJW C . -7.19 4.00 5.09
C31 NJW C . -7.58 5.33 5.41
N01 NJW C . -5.05 9.40 3.09
N11 NJW C . -6.40 8.01 7.64
N32 NJW C . -5.46 2.11 4.76
O16 NJW C . -7.77 5.11 12.51
O20 NJW C . -5.28 4.44 12.78
O21 NJW C . -3.80 4.97 11.20
O25 NJW C . -4.78 10.56 5.67
O33 NJW C . -6.27 1.25 4.69
O34 NJW C . -4.26 1.95 4.59
H171 NJW C . -9.30 6.47 10.99
H181 NJW C . -8.79 7.65 9.00
H101 NJW C . -7.85 7.83 5.89
H041 NJW C . -5.80 6.68 1.98
H051 NJW C . -7.26 5.24 0.86
H061 NJW C . -9.58 5.37 1.21
H071 NJW C . -10.44 6.99 2.70
H081 NJW C . -8.99 8.45 3.82
H131 NJW C . -4.93 6.52 9.38
H271 NJW C . -4.56 6.54 6.00
H281 NJW C . -3.92 4.36 5.47
H301 NJW C . -7.84 3.37 4.87
H311 NJW C . -8.47 5.58 5.40
H011 NJW C . -4.24 9.11 3.11
H4 NJW C . -5.12 10.09 2.58
#